data_1TCR
#
_entry.id   1TCR
#
_cell.length_a   138.000
_cell.length_b   72.900
_cell.length_c   57.300
_cell.angle_alpha   90.00
_cell.angle_beta   101.20
_cell.angle_gamma   90.00
#
_symmetry.space_group_name_H-M   'C 1 2 1'
#
loop_
_entity.id
_entity.type
_entity.pdbx_description
1 polymer 'ALPHA, BETA T-CELL RECEPTOR (VB8.2DB2JB2.4CB2\;VA3JA58CA)'
2 polymer 'ALPHA, BETA T-CELL RECEPTOR (VB8.2DB2JB2.4CB2\;VA3JA58CA)'
3 branched beta-D-mannopyranose-(1-4)-2-acetamido-2-deoxy-beta-D-glucopyranose-(1-4)-[alpha-L-fucopyranose-(1-6)]2-acetamido-2-deoxy-beta-D-glucopyranose
4 branched 2-acetamido-2-deoxy-beta-D-glucopyranose-(1-4)-[alpha-L-fucopyranose-(1-6)]2-acetamido-2-deoxy-beta-D-glucopyranose
5 branched 2-acetamido-2-deoxy-beta-D-glucopyranose-(1-4)-2-acetamido-2-deoxy-beta-D-glucopyranose
6 non-polymer 2-acetamido-2-deoxy-beta-D-glucopyranose
7 non-polymer 'SULFATE ION'
8 water water
#
loop_
_entity_poly.entity_id
_entity_poly.type
_entity_poly.pdbx_seq_one_letter_code
_entity_poly.pdbx_strand_id
1 'polypeptide(L)'
;QSVTQPDARVTVSEGASLQLRCKYSYSATPYLFWYVQYPRQGLQLLLKYYSGDPVVQGVNGFEAEFSKSNSSFHLRKASV
HWSDSAVYFCAVSGFASALTFGSGTKVIVLPYIQNPEPAVYALKDPRSQDSTLCLFTDFDSQINVPKTMESGTFITDATV
LDMKAMDSKSNGAIAWSNQTSFTCQDIFKETNATYPSSDVPC
;
A
2 'polypeptide(L)'
;EAAVTQSPRNKVAVTGGKVTLSCNQTNNHNNMYWYRQDTGHGLRLIHYSYGAGSTEKGDIPDGYKASRPSQENFSLILEL
ATPSQTSVYFCASGGGGTLYFGAGTRLSVLEDLRNVTPPKVSLFEPSKAEIANKQKATLVCLARGFFPDHVELSWWVNGK
EVHSGVSTDPQAYKESNYSYCLSSRLRVSATFWHNPRNHFRCQVQFHGLSEEDKWPEGSPKPVTQNISAEAWGRADC
;
B
#
# COMPACT_ATOMS: atom_id res chain seq x y z
N GLN A 1 -12.03 20.51 14.47
CA GLN A 1 -11.89 19.82 15.79
C GLN A 1 -12.46 18.38 15.77
N SER A 2 -13.28 18.03 14.78
CA SER A 2 -13.79 16.66 14.74
C SER A 2 -14.48 16.41 13.40
N VAL A 3 -14.16 15.26 12.78
CA VAL A 3 -14.72 14.82 11.49
C VAL A 3 -15.04 13.34 11.66
N THR A 4 -16.17 12.89 11.07
CA THR A 4 -16.61 11.50 11.18
C THR A 4 -17.07 10.86 9.85
N GLN A 5 -16.36 9.81 9.45
CA GLN A 5 -16.65 9.05 8.24
C GLN A 5 -17.15 7.69 8.75
N PRO A 6 -18.47 7.47 8.68
CA PRO A 6 -19.23 6.29 9.09
C PRO A 6 -18.89 4.98 8.41
N ASP A 7 -18.44 5.06 7.17
CA ASP A 7 -18.08 3.88 6.40
C ASP A 7 -16.58 3.83 6.15
N ALA A 8 -15.96 2.75 6.60
CA ALA A 8 -14.53 2.57 6.43
C ALA A 8 -14.20 1.99 5.07
N ARG A 9 -15.16 1.29 4.46
CA ARG A 9 -14.96 0.70 3.15
C ARG A 9 -16.23 0.79 2.28
N VAL A 10 -16.03 1.07 0.99
CA VAL A 10 -17.12 1.18 0.03
C VAL A 10 -16.68 0.51 -1.25
N THR A 11 -17.33 -0.60 -1.53
CA THR A 11 -17.06 -1.38 -2.75
C THR A 11 -18.15 -1.05 -3.77
N VAL A 12 -17.72 -0.50 -4.89
CA VAL A 12 -18.63 -0.11 -5.98
C VAL A 12 -18.12 -0.67 -7.29
N SER A 13 -19.03 -0.91 -8.21
CA SER A 13 -18.68 -1.42 -9.54
C SER A 13 -18.34 -0.24 -10.45
N GLU A 14 -17.45 -0.51 -11.38
CA GLU A 14 -17.07 0.47 -12.40
C GLU A 14 -18.36 0.86 -13.13
N GLY A 15 -18.62 2.16 -13.26
CA GLY A 15 -19.84 2.61 -13.91
C GLY A 15 -20.88 3.14 -12.93
N ALA A 16 -20.99 2.49 -11.78
CA ALA A 16 -21.92 2.88 -10.74
C ALA A 16 -21.46 4.18 -10.10
N SER A 17 -22.38 4.84 -9.40
CA SER A 17 -22.09 6.10 -8.74
C SER A 17 -21.50 5.86 -7.34
N LEU A 18 -20.84 6.88 -6.81
CA LEU A 18 -20.23 6.83 -5.49
C LEU A 18 -20.52 8.08 -4.61
N GLN A 19 -20.78 7.86 -3.33
CA GLN A 19 -21.03 8.91 -2.36
C GLN A 19 -20.27 8.52 -1.09
N LEU A 20 -19.49 9.44 -0.58
CA LEU A 20 -18.77 9.23 0.68
C LEU A 20 -19.30 10.23 1.66
N ARG A 21 -19.70 9.75 2.79
CA ARG A 21 -20.29 10.62 3.78
C ARG A 21 -19.26 11.15 4.77
N CYS A 22 -19.41 12.43 5.09
CA CYS A 22 -18.56 13.12 6.03
C CYS A 22 -19.38 14.04 6.94
N LYS A 23 -19.21 13.85 8.24
CA LYS A 23 -19.88 14.63 9.27
C LYS A 23 -18.75 15.33 10.02
N TYR A 24 -18.97 16.56 10.48
CA TYR A 24 -17.94 17.31 11.22
C TYR A 24 -18.54 18.05 12.43
N SER A 25 -17.72 18.28 13.46
CA SER A 25 -18.14 18.97 14.67
C SER A 25 -17.14 20.09 14.95
N TYR A 26 -17.37 21.27 14.36
CA TYR A 26 -16.43 22.38 14.56
C TYR A 26 -17.11 23.70 14.84
N SER A 27 -16.65 24.27 15.91
CA SER A 27 -17.06 25.60 16.33
C SER A 27 -16.30 26.58 15.53
N ALA A 28 -16.93 27.17 14.65
CA ALA A 28 -16.23 28.13 13.90
C ALA A 28 -16.71 28.02 12.58
N THR A 29 -16.10 28.61 11.78
CA THR A 29 -16.58 28.47 10.56
C THR A 29 -15.57 27.72 9.94
N PRO A 30 -15.89 26.54 9.89
CA PRO A 30 -14.93 25.54 9.46
C PRO A 30 -14.63 25.73 8.01
N TYR A 31 -13.41 25.25 7.69
CA TYR A 31 -12.92 25.07 6.29
C TYR A 31 -13.08 23.58 6.01
N LEU A 32 -13.33 23.18 4.79
CA LEU A 32 -13.54 21.73 4.57
C LEU A 32 -12.79 21.18 3.36
N PHE A 33 -12.19 20.00 3.51
CA PHE A 33 -11.44 19.36 2.42
C PHE A 33 -11.71 17.87 2.27
N TRP A 34 -11.22 17.35 1.16
CA TRP A 34 -11.25 15.94 0.84
C TRP A 34 -9.89 15.68 0.21
N TYR A 35 -9.13 14.78 0.81
CA TYR A 35 -7.80 14.35 0.34
C TYR A 35 -7.94 12.89 -0.08
N VAL A 36 -7.10 12.45 -1.00
CA VAL A 36 -7.13 11.07 -1.45
C VAL A 36 -5.71 10.50 -1.37
N GLN A 37 -5.62 9.21 -1.09
CA GLN A 37 -4.33 8.54 -0.95
C GLN A 37 -4.25 7.26 -1.77
N TYR A 38 -3.38 7.34 -2.76
CA TYR A 38 -3.08 6.23 -3.65
C TYR A 38 -2.09 5.37 -2.91
N PRO A 39 -2.02 4.14 -3.30
CA PRO A 39 -1.36 3.16 -2.44
C PRO A 39 0.06 3.54 -2.18
N ARG A 40 0.33 3.70 -0.92
CA ARG A 40 1.64 4.03 -0.30
C ARG A 40 2.31 5.39 -0.64
N GLN A 41 1.52 6.36 -1.05
CA GLN A 41 2.04 7.73 -1.20
C GLN A 41 1.32 8.62 -0.20
N GLY A 42 1.75 9.88 -0.16
CA GLY A 42 1.15 10.88 0.74
C GLY A 42 -0.26 11.20 0.26
N LEU A 43 -0.91 12.11 0.96
CA LEU A 43 -2.25 12.52 0.55
C LEU A 43 -2.14 13.65 -0.46
N GLN A 44 -3.01 13.63 -1.46
CA GLN A 44 -3.08 14.67 -2.48
C GLN A 44 -4.46 15.30 -2.27
N LEU A 45 -4.55 16.62 -2.26
CA LEU A 45 -5.87 17.25 -2.11
C LEU A 45 -6.76 16.92 -3.34
N LEU A 46 -8.04 16.71 -3.08
CA LEU A 46 -9.02 16.36 -4.11
C LEU A 46 -9.93 17.58 -4.36
N LEU A 47 -10.42 18.19 -3.27
CA LEU A 47 -11.27 19.38 -3.39
C LEU A 47 -11.40 20.12 -2.07
N LYS A 48 -11.69 21.42 -2.15
CA LYS A 48 -11.78 22.24 -0.94
C LYS A 48 -12.87 23.31 -0.92
N TYR A 49 -13.27 23.72 0.29
CA TYR A 49 -14.29 24.74 0.49
C TYR A 49 -14.00 25.66 1.68
N TYR A 50 -14.03 26.97 1.40
CA TYR A 50 -13.79 27.99 2.41
C TYR A 50 -14.98 28.94 2.59
N SER A 51 -15.51 29.48 1.50
CA SER A 51 -16.64 30.42 1.59
C SER A 51 -17.40 30.56 0.28
N GLY A 52 -18.66 30.97 0.41
CA GLY A 52 -19.51 31.19 -0.75
C GLY A 52 -20.31 30.03 -1.35
N ASP A 53 -19.89 29.57 -2.53
CA ASP A 53 -20.56 28.49 -3.22
C ASP A 53 -20.43 27.23 -2.37
N PRO A 54 -21.56 26.76 -1.80
CA PRO A 54 -21.58 25.56 -0.95
C PRO A 54 -21.16 24.25 -1.65
N VAL A 55 -21.25 24.22 -2.99
CA VAL A 55 -20.90 23.08 -3.82
C VAL A 55 -19.59 23.33 -4.52
N VAL A 56 -18.57 22.58 -4.09
CA VAL A 56 -17.21 22.66 -4.62
C VAL A 56 -16.93 21.48 -5.52
N GLN A 57 -16.14 21.73 -6.55
CA GLN A 57 -15.75 20.71 -7.51
C GLN A 57 -14.26 20.37 -7.35
N GLY A 58 -13.90 19.25 -7.96
CA GLY A 58 -12.55 18.80 -7.94
C GLY A 58 -12.31 18.18 -9.31
N VAL A 59 -11.18 17.49 -9.43
CA VAL A 59 -10.82 16.84 -10.67
C VAL A 59 -11.71 15.61 -10.90
N ASN A 60 -12.24 15.48 -12.12
CA ASN A 60 -13.10 14.35 -12.51
C ASN A 60 -14.54 14.35 -12.04
N GLY A 61 -15.12 15.53 -11.86
CA GLY A 61 -16.50 15.60 -11.45
C GLY A 61 -16.74 15.13 -10.03
N PHE A 62 -15.73 15.30 -9.19
CA PHE A 62 -15.85 14.97 -7.78
C PHE A 62 -16.47 16.21 -7.18
N GLU A 63 -17.61 16.01 -6.54
CA GLU A 63 -18.35 17.11 -5.93
C GLU A 63 -18.42 16.94 -4.43
N ALA A 64 -18.47 18.06 -3.73
CA ALA A 64 -18.58 18.03 -2.29
C ALA A 64 -19.46 19.22 -1.96
N GLU A 65 -20.55 18.95 -1.27
CA GLU A 65 -21.48 19.99 -0.88
C GLU A 65 -21.44 20.24 0.62
N PHE A 66 -21.34 21.50 0.98
CA PHE A 66 -21.27 21.90 2.35
C PHE A 66 -22.69 22.19 2.85
N SER A 67 -22.90 22.05 4.15
CA SER A 67 -24.19 22.36 4.75
C SER A 67 -24.03 22.63 6.24
N LYS A 68 -24.05 23.90 6.64
CA LYS A 68 -23.97 24.26 8.06
C LYS A 68 -25.25 23.68 8.61
N SER A 69 -26.29 23.76 7.78
CA SER A 69 -27.61 23.26 8.07
C SER A 69 -27.54 21.96 8.84
N ASN A 70 -26.93 20.94 8.24
CA ASN A 70 -26.83 19.63 8.86
C ASN A 70 -25.40 19.07 9.00
N SER A 71 -24.41 19.95 9.05
CA SER A 71 -22.99 19.60 9.20
C SER A 71 -22.48 18.35 8.47
N SER A 72 -22.39 18.45 7.16
CA SER A 72 -21.95 17.36 6.31
C SER A 72 -21.11 17.97 5.20
N PHE A 73 -20.36 17.14 4.47
CA PHE A 73 -19.54 17.59 3.33
C PHE A 73 -19.36 16.31 2.57
N HIS A 74 -20.45 15.80 2.04
CA HIS A 74 -20.40 14.55 1.32
C HIS A 74 -19.78 14.66 -0.06
N LEU A 75 -18.94 13.68 -0.39
CA LEU A 75 -18.26 13.60 -1.67
C LEU A 75 -19.10 12.74 -2.59
N ARG A 76 -19.14 13.09 -3.86
CA ARG A 76 -19.92 12.35 -4.82
C ARG A 76 -19.28 12.34 -6.19
N LYS A 77 -19.40 11.21 -6.88
CA LYS A 77 -18.84 11.03 -8.22
C LYS A 77 -19.92 10.33 -9.02
N ALA A 78 -20.38 10.98 -10.08
CA ALA A 78 -21.43 10.46 -10.95
C ALA A 78 -21.20 9.00 -11.38
N SER A 79 -20.03 8.71 -11.95
CA SER A 79 -19.70 7.36 -12.40
C SER A 79 -18.24 7.10 -12.04
N VAL A 80 -17.98 6.01 -11.31
CA VAL A 80 -16.62 5.67 -10.90
C VAL A 80 -15.88 4.77 -11.86
N HIS A 81 -14.57 4.85 -11.79
CA HIS A 81 -13.71 4.06 -12.65
C HIS A 81 -12.63 3.41 -11.81
N TRP A 82 -12.11 2.30 -12.30
CA TRP A 82 -11.07 1.56 -11.61
C TRP A 82 -10.00 2.44 -10.97
N SER A 83 -9.46 3.41 -11.71
CA SER A 83 -8.43 4.29 -11.17
C SER A 83 -8.82 5.10 -9.93
N ASP A 84 -10.12 5.14 -9.64
CA ASP A 84 -10.66 5.86 -8.47
C ASP A 84 -10.43 5.15 -7.15
N SER A 85 -10.06 3.86 -7.20
CA SER A 85 -9.82 3.10 -5.99
C SER A 85 -8.67 3.76 -5.20
N ALA A 86 -8.99 4.20 -3.99
CA ALA A 86 -8.02 4.83 -3.12
C ALA A 86 -8.65 4.98 -1.75
N VAL A 87 -7.97 5.71 -0.85
CA VAL A 87 -8.49 5.99 0.48
C VAL A 87 -8.82 7.48 0.45
N TYR A 88 -10.08 7.80 0.74
CA TYR A 88 -10.53 9.18 0.76
C TYR A 88 -10.68 9.66 2.17
N PHE A 89 -9.99 10.77 2.48
CA PHE A 89 -10.02 11.38 3.80
C PHE A 89 -10.71 12.71 3.78
N CYS A 90 -11.52 12.96 4.79
CA CYS A 90 -12.22 14.22 4.91
C CYS A 90 -11.45 14.96 6.01
N ALA A 91 -11.41 16.29 5.93
CA ALA A 91 -10.69 17.10 6.92
C ALA A 91 -11.39 18.45 7.19
N VAL A 92 -11.17 18.94 8.41
CA VAL A 92 -11.75 20.22 8.87
C VAL A 92 -10.67 21.07 9.56
N SER A 93 -10.69 22.37 9.25
CA SER A 93 -9.76 23.35 9.85
C SER A 93 -10.51 24.66 10.14
N GLY A 94 -9.80 25.79 10.16
CA GLY A 94 -10.43 27.07 10.43
C GLY A 94 -9.32 28.06 10.64
N PHE A 95 -9.69 29.28 10.79
CA PHE A 95 -8.67 30.27 11.01
C PHE A 95 -7.81 29.83 12.21
N ALA A 96 -6.53 29.73 11.96
CA ALA A 96 -5.56 29.37 13.00
C ALA A 96 -5.88 28.02 13.69
N SER A 97 -6.39 27.07 12.92
CA SER A 97 -6.66 25.68 13.40
C SER A 97 -6.09 24.71 12.36
N ALA A 98 -5.19 23.85 12.81
CA ALA A 98 -4.54 22.90 11.94
C ALA A 98 -5.53 21.83 11.46
N LEU A 99 -5.35 21.34 10.24
CA LEU A 99 -6.22 20.32 9.67
C LEU A 99 -6.48 19.10 10.54
N THR A 100 -7.74 18.75 10.70
CA THR A 100 -8.15 17.56 11.45
C THR A 100 -8.69 16.57 10.40
N PHE A 101 -8.27 15.31 10.46
CA PHE A 101 -8.72 14.32 9.49
C PHE A 101 -9.73 13.30 10.00
N GLY A 102 -10.51 12.74 9.07
CA GLY A 102 -11.46 11.70 9.43
C GLY A 102 -10.66 10.39 9.51
N SER A 103 -11.32 9.25 9.71
CA SER A 103 -10.57 8.01 9.79
C SER A 103 -10.29 7.42 8.40
N GLY A 104 -10.91 8.02 7.38
CA GLY A 104 -10.72 7.58 6.01
C GLY A 104 -11.68 6.52 5.49
N THR A 105 -11.84 6.48 4.17
CA THR A 105 -12.71 5.51 3.56
C THR A 105 -12.01 4.92 2.36
N LYS A 106 -11.76 3.62 2.40
CA LYS A 106 -11.09 2.93 1.33
C LYS A 106 -12.14 2.62 0.30
N VAL A 107 -11.97 3.15 -0.90
CA VAL A 107 -12.92 2.89 -1.99
C VAL A 107 -12.32 1.82 -2.89
N ILE A 108 -13.04 0.70 -3.03
CA ILE A 108 -12.65 -0.43 -3.85
C ILE A 108 -13.62 -0.54 -5.05
N VAL A 109 -13.21 -0.07 -6.22
CA VAL A 109 -14.05 -0.16 -7.42
C VAL A 109 -13.67 -1.39 -8.26
N LEU A 110 -14.64 -2.32 -8.36
CA LEU A 110 -14.55 -3.59 -9.10
C LEU A 110 -14.71 -3.40 -10.61
N PRO A 111 -13.70 -3.79 -11.43
CA PRO A 111 -13.79 -3.63 -12.88
C PRO A 111 -14.64 -4.71 -13.54
N TYR A 112 -15.16 -4.43 -14.74
CA TYR A 112 -16.01 -5.40 -15.46
C TYR A 112 -15.19 -6.34 -16.32
N ILE A 113 -15.18 -7.61 -15.92
CA ILE A 113 -14.47 -8.66 -16.64
C ILE A 113 -15.49 -9.21 -17.63
N GLN A 114 -15.43 -8.73 -18.87
CA GLN A 114 -16.38 -9.16 -19.90
C GLN A 114 -16.45 -10.67 -20.08
N ASN A 115 -15.34 -11.29 -20.48
CA ASN A 115 -15.33 -12.74 -20.66
C ASN A 115 -14.38 -13.43 -19.69
N PRO A 116 -14.87 -13.77 -18.47
CA PRO A 116 -14.14 -14.45 -17.38
C PRO A 116 -13.94 -15.96 -17.52
N GLU A 117 -12.71 -16.42 -17.29
CA GLU A 117 -12.39 -17.84 -17.39
C GLU A 117 -11.75 -18.31 -16.08
N PRO A 118 -12.53 -18.51 -15.02
CA PRO A 118 -12.00 -18.95 -13.73
C PRO A 118 -11.12 -20.19 -13.83
N ALA A 119 -9.85 -20.07 -13.47
CA ALA A 119 -8.92 -21.18 -13.53
C ALA A 119 -7.94 -21.11 -12.38
N VAL A 120 -7.62 -22.26 -11.78
CA VAL A 120 -6.65 -22.28 -10.69
C VAL A 120 -5.47 -23.11 -11.16
N TYR A 121 -4.30 -22.47 -11.20
CA TYR A 121 -3.09 -23.11 -11.65
C TYR A 121 -2.09 -23.38 -10.54
N ALA A 122 -1.40 -24.51 -10.61
CA ALA A 122 -0.38 -24.83 -9.61
C ALA A 122 0.95 -24.42 -10.25
N LEU A 123 1.66 -23.45 -9.66
CA LEU A 123 2.95 -23.01 -10.20
C LEU A 123 4.07 -23.68 -9.39
N LYS A 124 5.27 -23.70 -9.94
CA LYS A 124 6.41 -24.32 -9.27
C LYS A 124 7.64 -23.41 -9.21
N ASP A 125 8.37 -23.52 -8.10
CA ASP A 125 9.62 -22.81 -7.89
C ASP A 125 10.65 -23.88 -8.22
N PRO A 126 11.29 -23.81 -9.40
CA PRO A 126 12.29 -24.80 -9.83
C PRO A 126 13.48 -24.90 -8.89
N ARG A 127 14.06 -23.76 -8.53
CA ARG A 127 15.21 -23.73 -7.64
C ARG A 127 14.80 -24.06 -6.18
N SER A 128 13.92 -25.05 -5.99
CA SER A 128 13.41 -25.47 -4.68
C SER A 128 12.44 -26.63 -4.85
N GLN A 129 12.85 -27.86 -4.55
CA GLN A 129 11.93 -29.01 -4.67
C GLN A 129 10.79 -28.85 -3.66
N ASP A 130 9.59 -29.28 -4.04
CA ASP A 130 8.39 -29.21 -3.20
C ASP A 130 7.70 -27.85 -3.24
N SER A 131 8.46 -26.77 -3.49
CA SER A 131 7.89 -25.42 -3.55
C SER A 131 6.90 -25.22 -4.71
N THR A 132 5.63 -25.10 -4.34
CA THR A 132 4.53 -24.86 -5.27
C THR A 132 3.48 -23.95 -4.60
N LEU A 133 2.68 -23.29 -5.43
CA LEU A 133 1.62 -22.42 -4.96
C LEU A 133 0.50 -22.40 -6.02
N CYS A 134 -0.70 -21.98 -5.60
CA CYS A 134 -1.87 -21.93 -6.47
C CYS A 134 -2.24 -20.53 -6.91
N LEU A 135 -2.39 -20.33 -8.22
CA LEU A 135 -2.78 -19.04 -8.76
C LEU A 135 -4.21 -19.13 -9.23
N PHE A 136 -5.08 -18.37 -8.60
CA PHE A 136 -6.48 -18.32 -8.96
C PHE A 136 -6.58 -17.07 -9.81
N THR A 137 -7.08 -17.18 -11.02
CA THR A 137 -7.10 -16.00 -11.83
C THR A 137 -8.23 -15.95 -12.87
N ASP A 138 -8.42 -14.76 -13.43
CA ASP A 138 -9.42 -14.49 -14.43
C ASP A 138 -10.85 -14.71 -14.02
N PHE A 139 -11.11 -14.64 -12.72
CA PHE A 139 -12.46 -14.79 -12.23
C PHE A 139 -13.19 -13.48 -12.31
N ASP A 140 -14.48 -13.49 -12.01
CA ASP A 140 -15.30 -12.27 -12.06
C ASP A 140 -15.28 -11.44 -10.75
N SER A 141 -15.15 -10.12 -10.92
CA SER A 141 -15.10 -9.19 -9.80
C SER A 141 -16.14 -9.36 -8.69
N GLN A 142 -17.22 -10.07 -8.98
CA GLN A 142 -18.26 -10.23 -7.97
C GLN A 142 -18.05 -11.45 -7.08
N ILE A 143 -17.25 -12.41 -7.54
CA ILE A 143 -17.03 -13.59 -6.73
C ILE A 143 -16.15 -13.22 -5.54
N ASN A 144 -16.43 -13.84 -4.41
CA ASN A 144 -15.70 -13.62 -3.16
C ASN A 144 -14.56 -14.64 -3.03
N VAL A 145 -13.32 -14.17 -2.86
CA VAL A 145 -12.16 -15.08 -2.74
C VAL A 145 -12.15 -15.80 -1.37
N PRO A 146 -12.17 -17.14 -1.40
CA PRO A 146 -12.17 -17.94 -0.16
C PRO A 146 -11.16 -17.46 0.87
N LYS A 147 -11.55 -17.56 2.13
CA LYS A 147 -10.69 -17.14 3.22
C LYS A 147 -9.93 -18.36 3.74
N THR A 148 -8.84 -18.10 4.45
CA THR A 148 -7.99 -19.13 5.04
C THR A 148 -8.73 -19.80 6.21
N MET A 149 -8.30 -21.00 6.57
CA MET A 149 -8.92 -21.71 7.70
C MET A 149 -7.83 -22.22 8.61
N GLU A 150 -6.97 -23.06 8.04
CA GLU A 150 -5.88 -23.69 8.79
C GLU A 150 -4.66 -22.84 8.95
N SER A 151 -3.78 -23.33 9.81
CA SER A 151 -2.51 -22.69 10.10
C SER A 151 -1.62 -23.32 9.03
N GLY A 152 -0.55 -22.61 8.65
CA GLY A 152 0.35 -23.12 7.63
C GLY A 152 -0.16 -23.03 6.19
N THR A 153 -1.33 -22.41 6.02
CA THR A 153 -1.97 -22.23 4.72
C THR A 153 -2.38 -20.76 4.64
N PHE A 154 -2.10 -20.11 3.51
CA PHE A 154 -2.45 -18.70 3.38
C PHE A 154 -3.08 -18.44 2.03
N ILE A 155 -4.02 -17.50 1.99
CA ILE A 155 -4.67 -17.06 0.74
C ILE A 155 -4.69 -15.53 0.78
N THR A 156 -4.15 -14.89 -0.25
CA THR A 156 -4.11 -13.44 -0.28
C THR A 156 -5.48 -12.85 -0.67
N ASP A 157 -5.58 -11.52 -0.66
CA ASP A 157 -6.83 -10.84 -1.05
C ASP A 157 -6.74 -10.59 -2.56
N ALA A 158 -7.88 -10.48 -3.24
CA ALA A 158 -7.88 -10.29 -4.68
C ALA A 158 -7.14 -9.03 -5.09
N THR A 159 -6.38 -9.07 -6.18
CA THR A 159 -5.72 -7.88 -6.70
C THR A 159 -6.11 -7.88 -8.17
N VAL A 160 -6.08 -6.72 -8.80
CA VAL A 160 -6.44 -6.64 -10.21
C VAL A 160 -5.19 -6.18 -10.97
N LEU A 161 -4.77 -6.93 -11.98
CA LEU A 161 -3.61 -6.48 -12.77
C LEU A 161 -4.08 -6.09 -14.15
N ASP A 162 -3.35 -5.14 -14.71
CA ASP A 162 -3.64 -4.57 -16.00
C ASP A 162 -2.43 -4.70 -16.91
N MET A 163 -2.67 -5.15 -18.14
CA MET A 163 -1.60 -5.26 -19.13
C MET A 163 -1.79 -4.07 -20.07
N LYS A 164 -1.04 -4.00 -21.17
CA LYS A 164 -1.17 -2.88 -22.10
C LYS A 164 -2.05 -3.16 -23.31
N ALA A 165 -3.22 -3.77 -23.08
CA ALA A 165 -4.16 -4.08 -24.15
C ALA A 165 -5.49 -3.48 -23.71
N MET A 166 -6.47 -3.42 -24.61
CA MET A 166 -7.78 -2.85 -24.27
C MET A 166 -8.50 -3.65 -23.17
N ASP A 167 -8.36 -4.96 -23.22
CA ASP A 167 -8.99 -5.86 -22.24
C ASP A 167 -8.03 -5.96 -21.02
N SER A 168 -7.13 -6.90 -21.15
CA SER A 168 -6.01 -7.23 -20.24
C SER A 168 -6.13 -6.90 -18.71
N LYS A 169 -7.34 -6.90 -18.15
CA LYS A 169 -7.51 -6.75 -16.67
C LYS A 169 -7.79 -8.15 -16.17
N SER A 170 -7.15 -8.55 -15.10
CA SER A 170 -7.31 -9.89 -14.60
C SER A 170 -7.32 -9.93 -13.08
N ASN A 171 -8.23 -10.70 -12.51
CA ASN A 171 -8.29 -10.82 -11.06
C ASN A 171 -7.39 -11.98 -10.66
N GLY A 172 -6.78 -11.86 -9.50
CA GLY A 172 -5.91 -12.92 -9.06
C GLY A 172 -5.81 -12.91 -7.56
N ALA A 173 -5.45 -14.07 -7.04
CA ALA A 173 -5.26 -14.32 -5.63
C ALA A 173 -4.27 -15.50 -5.65
N ILE A 174 -3.45 -15.59 -4.60
CA ILE A 174 -2.43 -16.63 -4.47
C ILE A 174 -2.59 -17.42 -3.17
N ALA A 175 -2.37 -18.72 -3.22
CA ALA A 175 -2.49 -19.57 -2.04
C ALA A 175 -1.33 -20.57 -1.98
N TRP A 176 -0.96 -20.97 -0.79
CA TRP A 176 0.14 -21.91 -0.62
C TRP A 176 0.00 -22.53 0.76
N SER A 177 0.64 -23.67 0.94
CA SER A 177 0.58 -24.40 2.21
C SER A 177 1.85 -25.21 2.42
N ASN A 178 2.22 -25.39 3.69
CA ASN A 178 3.40 -26.17 4.04
C ASN A 178 2.98 -27.62 4.36
N GLN A 179 1.79 -28.00 3.88
CA GLN A 179 1.25 -29.35 4.08
C GLN A 179 1.80 -30.37 3.09
N THR A 180 1.79 -31.64 3.50
CA THR A 180 2.31 -32.78 2.72
C THR A 180 1.67 -33.02 1.36
N SER A 181 0.35 -32.89 1.26
CA SER A 181 -0.32 -33.08 -0.02
C SER A 181 -1.78 -32.63 -0.01
N PHE A 182 -1.92 -31.33 -0.20
CA PHE A 182 -3.20 -30.66 -0.38
C PHE A 182 -3.10 -29.97 -1.72
N THR A 183 -4.13 -30.08 -2.52
CA THR A 183 -4.06 -29.54 -3.86
C THR A 183 -4.78 -28.19 -4.00
N CYS A 184 -4.65 -27.59 -5.18
CA CYS A 184 -5.30 -26.31 -5.48
C CYS A 184 -6.82 -26.49 -5.61
N GLN A 185 -7.27 -27.74 -5.77
CA GLN A 185 -8.69 -28.05 -5.92
C GLN A 185 -9.49 -27.88 -4.65
N ASP A 186 -8.86 -28.10 -3.51
CA ASP A 186 -9.57 -27.98 -2.24
C ASP A 186 -9.38 -26.68 -1.47
N ILE A 187 -8.22 -26.05 -1.61
CA ILE A 187 -7.98 -24.78 -0.92
C ILE A 187 -8.84 -23.67 -1.56
N PHE A 188 -9.16 -23.86 -2.83
CA PHE A 188 -10.01 -22.93 -3.57
C PHE A 188 -11.23 -23.79 -3.96
N LYS A 189 -11.85 -24.46 -2.98
CA LYS A 189 -13.00 -25.32 -3.25
C LYS A 189 -14.27 -24.63 -3.72
N GLU A 190 -14.43 -23.36 -3.37
CA GLU A 190 -15.62 -22.60 -3.75
C GLU A 190 -15.41 -21.83 -5.05
N THR A 191 -15.17 -22.55 -6.14
CA THR A 191 -14.92 -21.91 -7.44
C THR A 191 -15.00 -22.83 -8.68
N ASN A 192 -14.46 -22.33 -9.81
CA ASN A 192 -14.61 -23.04 -11.11
C ASN A 192 -13.31 -23.14 -11.98
N ALA A 193 -13.22 -24.34 -12.60
CA ALA A 193 -12.25 -24.76 -13.68
C ALA A 193 -10.78 -24.97 -13.28
N THR A 194 -10.49 -26.02 -12.53
CA THR A 194 -9.11 -26.30 -12.07
C THR A 194 -8.27 -27.03 -13.12
N TYR A 195 -7.41 -26.27 -13.79
CA TYR A 195 -6.54 -26.86 -14.82
C TYR A 195 -5.21 -27.28 -14.25
N PRO A 196 -5.04 -28.60 -14.04
CA PRO A 196 -3.86 -29.25 -13.49
C PRO A 196 -2.66 -29.29 -14.41
N SER A 197 -1.48 -29.09 -13.82
CA SER A 197 -0.23 -29.11 -14.55
C SER A 197 0.13 -30.52 -14.91
N SER A 198 -0.73 -31.01 -15.77
CA SER A 198 -0.38 -32.15 -16.55
C SER A 198 0.27 -31.40 -17.66
N ASP A 199 1.35 -31.85 -18.14
CA ASP A 199 2.08 -31.07 -19.11
C ASP A 199 2.12 -31.86 -20.42
N VAL A 200 2.05 -31.16 -21.55
CA VAL A 200 2.09 -31.84 -22.85
C VAL A 200 2.94 -31.12 -23.89
N PRO A 201 3.94 -31.81 -24.45
CA PRO A 201 4.88 -31.31 -25.46
C PRO A 201 4.17 -30.77 -26.71
N CYS A 202 3.15 -31.49 -27.17
CA CYS A 202 2.38 -31.10 -28.35
C CYS A 202 0.88 -31.39 -28.13
N GLU B 1 9.03 25.75 -7.53
CA GLU B 1 9.37 24.39 -7.02
C GLU B 1 8.11 23.60 -6.64
N ALA B 2 8.32 22.37 -6.18
CA ALA B 2 7.24 21.48 -5.76
C ALA B 2 7.89 20.34 -4.95
N ALA B 3 7.92 20.46 -3.60
CA ALA B 3 8.56 19.37 -2.80
C ALA B 3 8.48 19.51 -1.25
N VAL B 4 8.23 18.33 -0.68
CA VAL B 4 8.26 18.04 0.78
C VAL B 4 8.91 16.66 0.90
N THR B 5 10.07 16.67 1.51
CA THR B 5 10.89 15.46 1.59
C THR B 5 11.15 15.00 3.00
N GLN B 6 10.90 13.72 3.26
CA GLN B 6 11.11 13.15 4.59
C GLN B 6 12.33 12.25 4.57
N SER B 7 12.95 12.11 5.73
CA SER B 7 14.08 11.24 5.86
C SER B 7 14.27 10.94 7.33
N PRO B 8 14.56 9.67 7.64
CA PRO B 8 14.69 8.62 6.64
C PRO B 8 13.30 8.18 6.25
N ARG B 9 13.19 7.43 5.16
CA ARG B 9 11.89 6.96 4.71
C ARG B 9 11.49 5.70 5.50
N ASN B 10 12.49 4.99 6.02
CA ASN B 10 12.30 3.78 6.80
C ASN B 10 13.21 3.78 8.03
N LYS B 11 12.73 3.23 9.13
CA LYS B 11 13.54 3.22 10.33
C LYS B 11 13.13 2.13 11.33
N VAL B 12 14.13 1.48 11.94
CA VAL B 12 13.88 0.47 12.97
C VAL B 12 14.61 0.98 14.20
N ALA B 13 13.88 1.04 15.31
CA ALA B 13 14.40 1.51 16.59
C ALA B 13 14.07 0.53 17.75
N VAL B 14 14.84 0.58 18.82
CA VAL B 14 14.63 -0.28 19.97
C VAL B 14 13.95 0.58 21.03
N THR B 15 13.18 -0.05 21.90
CA THR B 15 12.51 0.66 22.98
C THR B 15 13.56 1.43 23.78
N GLY B 16 13.41 2.74 23.86
CA GLY B 16 14.37 3.54 24.60
C GLY B 16 15.32 4.28 23.68
N GLY B 17 15.30 3.96 22.39
CA GLY B 17 16.20 4.63 21.47
C GLY B 17 15.78 6.06 21.19
N LYS B 18 16.66 6.80 20.55
CA LYS B 18 16.40 8.19 20.16
C LYS B 18 16.14 8.12 18.67
N VAL B 19 15.02 8.69 18.22
CA VAL B 19 14.69 8.69 16.80
C VAL B 19 14.35 10.11 16.42
N THR B 20 14.85 10.54 15.27
CA THR B 20 14.58 11.87 14.78
C THR B 20 14.11 11.77 13.36
N LEU B 21 12.89 12.19 13.11
CA LEU B 21 12.34 12.18 11.77
C LEU B 21 12.48 13.64 11.24
N SER B 22 13.07 13.80 10.05
CA SER B 22 13.27 15.12 9.45
C SER B 22 12.36 15.37 8.26
N CYS B 23 12.05 16.64 8.02
CA CYS B 23 11.24 17.05 6.90
C CYS B 23 11.81 18.37 6.34
N ASN B 24 12.00 18.45 5.04
CA ASN B 24 12.49 19.69 4.46
C ASN B 24 11.63 20.01 3.26
N GLN B 25 11.17 21.24 3.20
CA GLN B 25 10.30 21.70 2.14
C GLN B 25 10.96 22.81 1.30
N THR B 26 10.63 22.85 0.02
CA THR B 26 11.15 23.86 -0.86
C THR B 26 9.92 24.63 -1.32
N ASN B 27 9.09 25.02 -0.35
CA ASN B 27 7.82 25.73 -0.60
C ASN B 27 7.70 27.06 0.14
N ASN B 28 8.64 27.33 1.04
CA ASN B 28 8.68 28.56 1.85
C ASN B 28 7.46 28.73 2.78
N HIS B 29 6.58 27.72 2.78
CA HIS B 29 5.39 27.74 3.62
C HIS B 29 5.74 28.05 5.06
N ASN B 30 4.92 28.86 5.68
CA ASN B 30 5.13 29.24 7.05
C ASN B 30 4.81 28.10 7.98
N ASN B 31 3.87 27.26 7.54
CA ASN B 31 3.40 26.14 8.35
C ASN B 31 3.96 24.76 7.97
N MET B 32 4.26 23.96 9.00
CA MET B 32 4.72 22.59 8.81
C MET B 32 4.06 21.76 9.89
N TYR B 33 3.76 20.51 9.59
CA TYR B 33 3.11 19.60 10.55
C TYR B 33 3.59 18.17 10.43
N TRP B 34 3.47 17.45 11.54
CA TRP B 34 3.81 16.03 11.60
C TRP B 34 2.56 15.26 12.05
N TYR B 35 2.15 14.29 11.23
CA TYR B 35 1.00 13.40 11.47
C TYR B 35 1.45 11.93 11.49
N ARG B 36 0.63 11.08 12.09
CA ARG B 36 0.90 9.65 12.09
C ARG B 36 -0.39 8.98 11.62
N GLN B 37 -0.26 8.04 10.70
CA GLN B 37 -1.40 7.32 10.18
C GLN B 37 -1.47 5.97 10.87
N ASP B 38 -2.65 5.64 11.37
CA ASP B 38 -2.83 4.38 12.07
C ASP B 38 -4.17 3.80 11.74
N THR B 39 -4.19 2.50 11.54
CA THR B 39 -5.41 1.79 11.24
C THR B 39 -6.45 2.11 12.34
N GLY B 40 -7.61 2.61 11.91
CA GLY B 40 -8.68 2.99 12.82
C GLY B 40 -8.69 4.47 13.25
N HIS B 41 -7.68 5.24 12.86
CA HIS B 41 -7.59 6.66 13.23
C HIS B 41 -7.29 7.63 12.09
N GLY B 42 -7.15 7.13 10.87
CA GLY B 42 -6.81 8.01 9.76
C GLY B 42 -5.45 8.63 10.11
N LEU B 43 -5.32 9.93 9.90
CA LEU B 43 -4.13 10.70 10.27
C LEU B 43 -4.40 11.53 11.53
N ARG B 44 -3.53 11.46 12.51
CA ARG B 44 -3.71 12.25 13.75
C ARG B 44 -2.54 13.24 13.90
N LEU B 45 -2.85 14.51 14.16
CA LEU B 45 -1.83 15.55 14.29
C LEU B 45 -1.03 15.40 15.57
N ILE B 46 0.28 15.42 15.46
CA ILE B 46 1.16 15.32 16.64
C ILE B 46 1.67 16.70 17.16
N HIS B 47 2.29 17.45 16.25
CA HIS B 47 2.88 18.79 16.46
C HIS B 47 2.80 19.54 15.14
N TYR B 48 2.99 20.85 15.20
CA TYR B 48 3.01 21.72 14.02
C TYR B 48 3.70 23.04 14.37
N SER B 49 3.94 23.86 13.36
CA SER B 49 4.60 25.12 13.60
C SER B 49 4.01 26.14 12.68
N TYR B 50 3.85 27.36 13.19
CA TYR B 50 3.30 28.49 12.44
C TYR B 50 4.46 29.34 11.88
N GLY B 51 5.68 28.99 12.26
CA GLY B 51 6.83 29.73 11.79
C GLY B 51 8.15 29.30 12.39
N ALA B 52 9.21 29.48 11.60
CA ALA B 52 10.57 29.13 12.00
C ALA B 52 10.85 29.61 13.42
N GLY B 53 11.34 28.73 14.27
CA GLY B 53 11.61 29.13 15.63
C GLY B 53 10.57 28.72 16.65
N SER B 54 9.32 28.57 16.23
CA SER B 54 8.21 28.16 17.14
C SER B 54 7.57 26.76 16.92
N THR B 55 7.09 26.17 18.01
CA THR B 55 6.45 24.85 17.98
C THR B 55 5.15 24.88 18.77
N GLU B 56 4.12 24.27 18.19
CA GLU B 56 2.78 24.16 18.77
C GLU B 56 2.35 22.69 18.85
N LYS B 57 1.83 22.26 19.98
CA LYS B 57 1.40 20.87 20.12
C LYS B 57 0.14 20.49 19.32
N GLY B 58 0.10 19.25 18.83
CA GLY B 58 -1.06 18.79 18.08
C GLY B 58 -1.96 18.08 19.06
N ASP B 59 -2.73 17.10 18.60
CA ASP B 59 -3.66 16.36 19.47
C ASP B 59 -3.05 15.25 20.33
N ILE B 60 -2.03 14.60 19.83
CA ILE B 60 -1.40 13.54 20.59
C ILE B 60 0.09 13.83 20.67
N PRO B 61 0.47 14.93 21.35
CA PRO B 61 1.89 15.32 21.48
C PRO B 61 2.77 14.57 22.51
N ASP B 62 2.19 13.67 23.28
CA ASP B 62 2.95 12.93 24.29
C ASP B 62 3.91 11.93 23.67
N GLY B 63 5.15 11.90 24.15
CA GLY B 63 6.13 10.99 23.64
C GLY B 63 7.00 11.58 22.54
N TYR B 64 6.56 12.71 21.98
CA TYR B 64 7.27 13.37 20.90
C TYR B 64 7.62 14.80 21.20
N LYS B 65 8.75 15.25 20.66
CA LYS B 65 9.23 16.64 20.77
C LYS B 65 9.38 17.13 19.32
N ALA B 66 9.17 18.42 19.10
CA ALA B 66 9.31 18.93 17.75
C ALA B 66 10.27 20.08 17.81
N SER B 67 10.82 20.42 16.66
CA SER B 67 11.79 21.46 16.60
C SER B 67 11.84 21.99 15.18
N ARG B 68 11.46 23.25 15.03
CA ARG B 68 11.47 23.91 13.72
C ARG B 68 12.69 24.81 13.77
N PRO B 69 13.84 24.35 13.23
CA PRO B 69 15.08 25.15 13.24
C PRO B 69 15.11 26.33 12.26
N SER B 70 14.50 26.16 11.10
CA SER B 70 14.46 27.19 10.09
C SER B 70 13.11 27.06 9.39
N GLN B 71 12.91 27.86 8.34
CA GLN B 71 11.66 27.84 7.59
C GLN B 71 11.35 26.53 6.87
N GLU B 72 12.35 25.90 6.29
CA GLU B 72 12.12 24.66 5.56
C GLU B 72 12.38 23.36 6.32
N ASN B 73 12.71 23.43 7.60
CA ASN B 73 12.98 22.20 8.37
C ASN B 73 12.10 22.02 9.62
N PHE B 74 11.52 20.83 9.75
CA PHE B 74 10.67 20.49 10.88
C PHE B 74 10.94 19.04 11.29
N SER B 75 11.44 18.87 12.50
CA SER B 75 11.81 17.56 13.05
C SER B 75 10.97 17.07 14.23
N LEU B 76 10.77 15.75 14.25
CA LEU B 76 10.03 15.09 15.30
C LEU B 76 11.10 14.27 16.01
N ILE B 77 11.16 14.41 17.32
CA ILE B 77 12.15 13.73 18.11
C ILE B 77 11.52 12.82 19.15
N LEU B 78 11.63 11.51 18.96
CA LEU B 78 11.10 10.61 19.94
C LEU B 78 12.31 10.33 20.84
N GLU B 79 12.31 11.00 22.00
CA GLU B 79 13.35 10.92 23.01
C GLU B 79 13.53 9.50 23.53
N LEU B 80 12.46 8.90 24.01
CA LEU B 80 12.51 7.53 24.48
C LEU B 80 11.44 6.77 23.71
N ALA B 81 11.87 6.14 22.63
CA ALA B 81 10.97 5.38 21.77
C ALA B 81 10.29 4.24 22.51
N THR B 82 9.01 4.06 22.20
CA THR B 82 8.20 3.04 22.80
C THR B 82 7.50 2.34 21.66
N PRO B 83 7.22 1.03 21.80
CA PRO B 83 6.54 0.21 20.79
C PRO B 83 5.25 0.83 20.21
N SER B 84 4.53 1.57 21.04
CA SER B 84 3.32 2.23 20.58
C SER B 84 3.62 3.25 19.46
N GLN B 85 4.87 3.70 19.37
CA GLN B 85 5.24 4.66 18.35
C GLN B 85 5.54 4.06 16.97
N THR B 86 5.50 2.73 16.82
CA THR B 86 5.69 2.20 15.45
C THR B 86 4.44 2.63 14.67
N SER B 87 4.68 3.33 13.58
CA SER B 87 3.60 3.88 12.75
C SER B 87 4.15 4.35 11.40
N VAL B 88 3.30 4.99 10.59
CA VAL B 88 3.74 5.56 9.30
C VAL B 88 3.58 7.05 9.52
N TYR B 89 4.68 7.80 9.50
CA TYR B 89 4.62 9.24 9.72
C TYR B 89 4.61 10.07 8.46
N PHE B 90 3.76 11.10 8.44
CA PHE B 90 3.65 11.99 7.28
C PHE B 90 3.92 13.41 7.64
N CYS B 91 4.70 14.06 6.79
CA CYS B 91 5.01 15.45 7.02
C CYS B 91 4.30 16.28 5.95
N ALA B 92 3.87 17.47 6.33
CA ALA B 92 3.21 18.36 5.39
C ALA B 92 3.58 19.81 5.66
N SER B 93 3.53 20.60 4.60
CA SER B 93 3.80 22.04 4.68
C SER B 93 2.50 22.65 4.15
N GLY B 94 2.18 23.85 4.61
CA GLY B 94 0.96 24.49 4.15
C GLY B 94 0.90 25.99 4.21
N GLY B 95 0.25 26.55 3.19
CA GLY B 95 0.10 28.00 3.11
C GLY B 95 -1.31 28.46 3.52
N GLY B 96 -1.58 28.29 4.80
CA GLY B 96 -2.86 28.71 5.41
C GLY B 96 -4.04 27.83 4.97
N GLY B 97 -3.97 27.32 3.74
CA GLY B 97 -5.06 26.51 3.15
C GLY B 97 -4.69 25.02 3.02
N THR B 98 -4.66 24.55 1.77
CA THR B 98 -4.38 23.13 1.46
C THR B 98 -2.95 22.76 1.91
N LEU B 99 -2.81 21.49 2.32
CA LEU B 99 -1.52 20.93 2.80
C LEU B 99 -0.83 20.11 1.70
N TYR B 100 0.49 20.22 1.63
CA TYR B 100 1.30 19.46 0.67
C TYR B 100 2.07 18.45 1.51
N PHE B 101 1.91 17.18 1.15
CA PHE B 101 2.51 16.09 1.92
C PHE B 101 3.79 15.47 1.43
N GLY B 102 4.39 14.71 2.35
CA GLY B 102 5.58 13.96 2.06
C GLY B 102 5.13 12.56 1.61
N ALA B 103 6.09 11.65 1.42
CA ALA B 103 5.78 10.28 0.99
C ALA B 103 5.58 9.33 2.18
N GLY B 104 6.05 9.69 3.36
CA GLY B 104 5.86 8.86 4.52
C GLY B 104 7.13 8.26 5.03
N THR B 105 7.15 7.95 6.32
CA THR B 105 8.32 7.34 6.95
C THR B 105 7.78 6.15 7.72
N ARG B 106 8.25 4.95 7.41
CA ARG B 106 7.80 3.77 8.12
C ARG B 106 8.72 3.59 9.31
N LEU B 107 8.14 3.60 10.50
CA LEU B 107 8.90 3.46 11.73
C LEU B 107 8.46 2.27 12.60
N SER B 108 9.41 1.42 13.02
CA SER B 108 9.13 0.28 13.90
C SER B 108 9.99 0.43 15.13
N VAL B 109 9.39 0.39 16.31
CA VAL B 109 10.13 0.49 17.56
C VAL B 109 9.89 -0.87 18.24
N LEU B 110 10.97 -1.65 18.31
CA LEU B 110 10.96 -3.00 18.86
C LEU B 110 11.45 -3.17 20.29
N GLU B 111 10.89 -4.18 20.96
CA GLU B 111 11.30 -4.46 22.32
C GLU B 111 12.53 -5.34 22.20
N ASP B 112 12.60 -6.11 21.12
CA ASP B 112 13.73 -7.00 20.88
C ASP B 112 14.18 -6.88 19.41
N LEU B 113 15.31 -6.23 19.22
CA LEU B 113 15.91 -6.01 17.91
C LEU B 113 16.15 -7.29 17.08
N ARG B 114 16.37 -8.43 17.74
CA ARG B 114 16.62 -9.69 17.04
C ARG B 114 15.46 -10.29 16.23
N ASN B 115 14.34 -9.59 16.15
CA ASN B 115 13.19 -10.08 15.39
C ASN B 115 13.31 -9.62 13.96
N VAL B 116 14.25 -8.71 13.70
CA VAL B 116 14.49 -8.16 12.37
C VAL B 116 15.11 -9.24 11.53
N THR B 117 14.46 -9.58 10.42
CA THR B 117 14.97 -10.61 9.55
C THR B 117 14.68 -10.21 8.10
N PRO B 118 15.62 -10.46 7.17
CA PRO B 118 15.39 -10.11 5.77
C PRO B 118 14.53 -11.17 5.18
N PRO B 119 14.04 -10.95 3.97
CA PRO B 119 13.18 -11.97 3.36
C PRO B 119 13.92 -13.06 2.61
N LYS B 120 13.15 -14.04 2.14
CA LYS B 120 13.63 -15.12 1.28
C LYS B 120 12.72 -14.89 0.07
N VAL B 121 13.26 -14.53 -1.09
CA VAL B 121 12.35 -14.34 -2.24
C VAL B 121 12.39 -15.46 -3.30
N SER B 122 11.21 -16.02 -3.56
CA SER B 122 11.02 -17.12 -4.52
C SER B 122 10.30 -16.70 -5.78
N LEU B 123 10.76 -17.18 -6.93
CA LEU B 123 10.13 -16.88 -8.22
C LEU B 123 9.43 -18.13 -8.77
N PHE B 124 8.11 -18.14 -8.75
CA PHE B 124 7.36 -19.26 -9.27
C PHE B 124 7.12 -19.06 -10.78
N GLU B 125 7.37 -20.12 -11.55
CA GLU B 125 7.21 -20.05 -13.00
C GLU B 125 5.76 -20.18 -13.52
N PRO B 126 5.49 -19.61 -14.72
CA PRO B 126 4.19 -19.60 -15.39
C PRO B 126 3.64 -20.98 -15.64
N SER B 127 2.35 -21.17 -15.38
CA SER B 127 1.73 -22.45 -15.64
C SER B 127 1.71 -22.71 -17.14
N LYS B 128 2.11 -23.92 -17.55
CA LYS B 128 2.06 -24.29 -18.97
C LYS B 128 0.61 -24.36 -19.43
N ALA B 129 -0.29 -24.74 -18.52
CA ALA B 129 -1.72 -24.83 -18.79
C ALA B 129 -2.18 -23.44 -19.16
N GLU B 130 -2.03 -22.51 -18.23
CA GLU B 130 -2.41 -21.12 -18.49
C GLU B 130 -1.84 -20.65 -19.83
N ILE B 131 -0.57 -20.96 -20.05
CA ILE B 131 0.10 -20.57 -21.27
C ILE B 131 -0.58 -21.11 -22.53
N ALA B 132 -0.95 -22.37 -22.49
CA ALA B 132 -1.61 -23.03 -23.62
C ALA B 132 -2.95 -22.42 -23.98
N ASN B 133 -3.86 -22.38 -23.01
CA ASN B 133 -5.22 -21.89 -23.18
C ASN B 133 -5.39 -20.40 -23.32
N LYS B 134 -4.59 -19.63 -22.59
CA LYS B 134 -4.72 -18.18 -22.65
C LYS B 134 -3.66 -17.41 -23.43
N GLN B 135 -2.51 -18.06 -23.70
CA GLN B 135 -1.39 -17.44 -24.41
C GLN B 135 -0.84 -16.25 -23.61
N LYS B 136 -0.91 -16.39 -22.30
CA LYS B 136 -0.45 -15.40 -21.33
C LYS B 136 0.32 -16.20 -20.28
N ALA B 137 1.29 -15.56 -19.64
CA ALA B 137 2.12 -16.20 -18.63
C ALA B 137 2.25 -15.37 -17.34
N THR B 138 1.69 -15.86 -16.26
CA THR B 138 1.78 -15.16 -14.98
C THR B 138 2.94 -15.71 -14.13
N LEU B 139 3.96 -14.88 -13.91
CA LEU B 139 5.07 -15.24 -13.07
C LEU B 139 4.67 -14.67 -11.70
N VAL B 140 4.66 -15.45 -10.65
CA VAL B 140 4.33 -14.87 -9.33
C VAL B 140 5.54 -14.94 -8.42
N CYS B 141 5.82 -13.80 -7.82
CA CYS B 141 6.93 -13.67 -6.90
C CYS B 141 6.42 -13.61 -5.50
N LEU B 142 7.07 -14.36 -4.62
CA LEU B 142 6.68 -14.48 -3.22
C LEU B 142 7.84 -14.24 -2.27
N ALA B 143 7.72 -13.23 -1.41
CA ALA B 143 8.77 -12.93 -0.42
C ALA B 143 8.23 -13.32 0.98
N ARG B 144 9.06 -13.98 1.77
CA ARG B 144 8.63 -14.41 3.09
C ARG B 144 9.70 -14.30 4.14
N GLY B 145 9.27 -14.48 5.38
CA GLY B 145 10.13 -14.44 6.53
C GLY B 145 10.76 -13.11 6.91
N PHE B 146 10.24 -12.03 6.43
CA PHE B 146 10.86 -10.78 6.83
C PHE B 146 10.14 -10.11 7.95
N PHE B 147 10.88 -9.88 9.04
CA PHE B 147 10.28 -9.06 10.05
C PHE B 147 10.36 -7.66 9.52
N PRO B 148 10.91 -6.53 9.96
CA PRO B 148 10.18 -5.32 9.53
C PRO B 148 9.60 -5.47 8.16
N ASP B 149 8.37 -4.94 8.02
CA ASP B 149 7.67 -5.01 6.74
C ASP B 149 7.99 -3.78 5.87
N HIS B 150 9.12 -3.15 6.17
CA HIS B 150 9.58 -2.00 5.36
C HIS B 150 10.29 -2.50 4.12
N VAL B 151 9.54 -2.85 3.09
CA VAL B 151 10.13 -3.35 1.86
C VAL B 151 9.39 -2.84 0.63
N GLU B 152 10.03 -3.00 -0.53
CA GLU B 152 9.47 -2.62 -1.83
C GLU B 152 9.84 -3.74 -2.76
N LEU B 153 8.85 -4.31 -3.44
CA LEU B 153 9.09 -5.39 -4.37
C LEU B 153 9.04 -4.79 -5.77
N SER B 154 10.02 -5.11 -6.62
CA SER B 154 10.07 -4.62 -8.00
C SER B 154 10.32 -5.75 -8.99
N TRP B 155 10.03 -5.48 -10.24
CA TRP B 155 10.25 -6.43 -11.32
C TRP B 155 11.16 -5.79 -12.36
N TRP B 156 12.09 -6.57 -12.89
CA TRP B 156 13.05 -6.10 -13.87
C TRP B 156 13.14 -7.10 -15.00
N VAL B 157 12.88 -6.64 -16.22
CA VAL B 157 12.95 -7.49 -17.40
C VAL B 157 14.04 -6.95 -18.36
N ASN B 158 15.09 -7.76 -18.53
CA ASN B 158 16.24 -7.42 -19.36
C ASN B 158 16.88 -6.16 -18.83
N GLY B 159 17.04 -6.09 -17.51
CA GLY B 159 17.66 -4.96 -16.84
C GLY B 159 16.83 -3.69 -16.62
N LYS B 160 15.66 -3.59 -17.24
CA LYS B 160 14.83 -2.39 -17.09
C LYS B 160 13.64 -2.65 -16.20
N GLU B 161 13.35 -1.71 -15.30
CA GLU B 161 12.20 -1.86 -14.41
C GLU B 161 10.89 -1.82 -15.19
N VAL B 162 10.04 -2.79 -14.87
CA VAL B 162 8.77 -3.07 -15.50
C VAL B 162 7.55 -2.69 -14.64
N HIS B 163 6.52 -2.10 -15.26
CA HIS B 163 5.27 -1.72 -14.58
C HIS B 163 4.03 -2.29 -15.25
N SER B 164 3.92 -2.17 -16.57
CA SER B 164 2.77 -2.72 -17.28
C SER B 164 2.67 -4.18 -16.88
N GLY B 165 1.45 -4.67 -16.62
CA GLY B 165 1.29 -6.08 -16.28
C GLY B 165 1.65 -6.55 -14.88
N VAL B 166 2.15 -5.68 -13.99
CA VAL B 166 2.45 -6.11 -12.62
C VAL B 166 1.35 -5.71 -11.63
N SER B 167 1.14 -6.55 -10.62
CA SER B 167 0.17 -6.33 -9.57
C SER B 167 0.66 -7.02 -8.30
N THR B 168 1.25 -6.23 -7.41
CA THR B 168 1.74 -6.79 -6.18
C THR B 168 0.79 -6.39 -5.03
N ASP B 169 0.79 -7.15 -3.94
CA ASP B 169 -0.06 -6.88 -2.79
C ASP B 169 0.24 -5.50 -2.22
N PRO B 170 -0.82 -4.69 -1.93
CA PRO B 170 -0.68 -3.33 -1.39
C PRO B 170 -0.15 -3.26 0.04
N GLN B 171 -0.25 -4.38 0.76
CA GLN B 171 0.10 -4.47 2.16
C GLN B 171 0.68 -5.85 2.46
N ALA B 172 1.79 -5.91 3.16
CA ALA B 172 2.37 -7.19 3.52
C ALA B 172 1.45 -7.80 4.57
N TYR B 173 1.27 -9.12 4.52
CA TYR B 173 0.44 -9.83 5.47
C TYR B 173 1.36 -10.44 6.51
N LYS B 174 0.91 -10.57 7.75
CA LYS B 174 1.71 -11.16 8.82
C LYS B 174 1.42 -12.67 8.77
N GLU B 175 2.42 -13.51 8.67
CA GLU B 175 2.13 -14.96 8.61
C GLU B 175 2.47 -15.66 9.93
N SER B 176 3.02 -14.88 10.80
CA SER B 176 3.40 -15.28 12.15
C SER B 176 3.48 -13.98 12.93
N ASN B 177 3.85 -14.04 14.18
CA ASN B 177 3.84 -12.82 14.96
C ASN B 177 4.97 -11.86 14.61
N TYR B 178 6.08 -12.42 14.12
CA TYR B 178 7.25 -11.61 13.77
C TYR B 178 7.77 -12.02 12.40
N SER B 179 6.85 -12.16 11.44
CA SER B 179 7.23 -12.57 10.10
C SER B 179 6.13 -12.16 9.15
N TYR B 180 6.51 -11.53 8.04
CA TYR B 180 5.56 -11.06 7.02
C TYR B 180 5.70 -11.78 5.68
N CYS B 181 4.74 -11.58 4.80
CA CYS B 181 4.79 -12.16 3.46
C CYS B 181 4.20 -11.15 2.43
N LEU B 182 4.58 -11.29 1.17
CA LEU B 182 4.10 -10.37 0.16
C LEU B 182 4.24 -11.08 -1.19
N SER B 183 3.30 -10.87 -2.11
CA SER B 183 3.38 -11.51 -3.41
C SER B 183 3.15 -10.53 -4.53
N SER B 184 3.37 -10.99 -5.75
CA SER B 184 3.21 -10.11 -6.87
C SER B 184 3.09 -10.92 -8.12
N ARG B 185 2.35 -10.39 -9.07
CA ARG B 185 2.22 -11.08 -10.32
C ARG B 185 2.79 -10.21 -11.42
N LEU B 186 3.32 -10.90 -12.40
CA LEU B 186 3.84 -10.30 -13.63
C LEU B 186 3.32 -11.19 -14.74
N ARG B 187 2.31 -10.71 -15.41
CA ARG B 187 1.69 -11.44 -16.50
C ARG B 187 2.24 -10.89 -17.81
N VAL B 188 2.76 -11.79 -18.64
CA VAL B 188 3.30 -11.41 -19.94
C VAL B 188 2.65 -12.28 -20.99
N SER B 189 2.96 -12.05 -22.26
CA SER B 189 2.38 -12.86 -23.33
C SER B 189 3.16 -14.17 -23.43
N ALA B 190 2.53 -15.24 -23.88
CA ALA B 190 3.24 -16.51 -24.02
C ALA B 190 4.44 -16.30 -24.94
N THR B 191 4.28 -15.50 -26.00
CA THR B 191 5.36 -15.24 -26.94
C THR B 191 6.58 -14.71 -26.22
N PHE B 192 6.38 -13.71 -25.35
CA PHE B 192 7.45 -13.08 -24.58
C PHE B 192 8.13 -14.03 -23.58
N TRP B 193 7.34 -14.84 -22.89
CA TRP B 193 7.86 -15.81 -21.92
C TRP B 193 8.69 -16.90 -22.60
N HIS B 194 8.27 -17.29 -23.80
CA HIS B 194 8.94 -18.32 -24.56
C HIS B 194 10.24 -17.87 -25.25
N ASN B 195 10.66 -16.63 -25.03
CA ASN B 195 11.91 -16.18 -25.61
C ASN B 195 13.01 -16.31 -24.57
N PRO B 196 13.97 -17.22 -24.80
CA PRO B 196 15.12 -17.52 -23.94
C PRO B 196 16.09 -16.35 -23.70
N ARG B 197 15.99 -15.31 -24.50
CA ARG B 197 16.84 -14.15 -24.30
C ARG B 197 16.25 -13.19 -23.24
N ASN B 198 14.95 -13.35 -22.97
CA ASN B 198 14.22 -12.53 -21.99
C ASN B 198 14.57 -12.97 -20.60
N HIS B 199 15.08 -12.03 -19.84
CA HIS B 199 15.53 -12.29 -18.49
C HIS B 199 14.62 -11.60 -17.45
N PHE B 200 13.95 -12.40 -16.61
CA PHE B 200 13.02 -11.87 -15.60
C PHE B 200 13.62 -11.83 -14.17
N ARG B 201 13.41 -10.75 -13.45
CA ARG B 201 13.97 -10.67 -12.10
C ARG B 201 13.05 -9.94 -11.09
N CYS B 202 12.77 -10.63 -9.99
CA CYS B 202 11.94 -10.08 -8.96
C CYS B 202 12.81 -9.60 -7.79
N GLN B 203 12.88 -8.30 -7.60
CA GLN B 203 13.69 -7.74 -6.55
C GLN B 203 12.85 -7.30 -5.35
N VAL B 204 13.45 -7.35 -4.16
CA VAL B 204 12.76 -6.95 -2.98
C VAL B 204 13.78 -6.22 -2.18
N GLN B 205 13.62 -4.90 -2.09
CA GLN B 205 14.54 -4.10 -1.31
C GLN B 205 14.09 -4.07 0.14
N PHE B 206 14.90 -4.68 1.01
CA PHE B 206 14.59 -4.73 2.44
C PHE B 206 15.29 -3.58 3.21
N HIS B 207 14.55 -2.93 4.09
CA HIS B 207 15.14 -1.86 4.90
C HIS B 207 15.29 -2.38 6.32
N GLY B 208 16.54 -2.52 6.78
CA GLY B 208 16.78 -3.06 8.09
C GLY B 208 17.79 -2.21 8.79
N LEU B 209 18.70 -2.81 9.56
CA LEU B 209 19.71 -2.06 10.31
C LEU B 209 20.73 -1.27 9.49
N SER B 210 21.24 -0.22 10.11
CA SER B 210 22.25 0.67 9.54
C SER B 210 23.60 0.08 9.91
N GLU B 211 24.66 0.44 9.19
CA GLU B 211 26.00 -0.07 9.48
C GLU B 211 26.43 0.31 10.89
N GLU B 212 25.95 1.46 11.37
CA GLU B 212 26.26 1.98 12.70
C GLU B 212 25.73 1.05 13.74
N ASP B 213 24.43 0.84 13.64
CA ASP B 213 23.65 0.00 14.55
C ASP B 213 24.30 -1.25 15.09
N LYS B 214 24.16 -1.45 16.40
CA LYS B 214 24.70 -2.62 17.07
C LYS B 214 23.72 -3.78 16.82
N TRP B 215 24.25 -4.97 16.58
CA TRP B 215 23.41 -6.14 16.39
C TRP B 215 23.76 -7.04 17.58
N PRO B 216 22.81 -7.27 18.50
CA PRO B 216 23.01 -8.11 19.70
C PRO B 216 22.84 -9.63 19.47
N GLU B 217 23.45 -10.17 18.44
CA GLU B 217 23.30 -11.57 18.19
C GLU B 217 24.44 -12.05 17.31
N GLY B 218 24.84 -13.32 17.48
CA GLY B 218 25.89 -13.87 16.67
C GLY B 218 25.35 -14.40 15.36
N SER B 219 24.83 -13.52 14.52
CA SER B 219 24.27 -13.88 13.22
C SER B 219 24.51 -12.63 12.36
N PRO B 220 24.45 -12.78 11.04
CA PRO B 220 24.65 -11.67 10.10
C PRO B 220 23.78 -10.46 10.47
N LYS B 221 24.35 -9.26 10.46
CA LYS B 221 23.53 -8.09 10.76
C LYS B 221 22.50 -7.92 9.64
N PRO B 222 21.19 -7.92 9.97
CA PRO B 222 20.18 -7.77 8.92
C PRO B 222 20.17 -6.33 8.43
N VAL B 223 21.16 -5.97 7.65
CA VAL B 223 21.26 -4.62 7.13
C VAL B 223 20.36 -4.47 5.94
N THR B 224 20.20 -3.22 5.50
CA THR B 224 19.39 -2.89 4.34
C THR B 224 20.03 -3.51 3.10
N GLN B 225 19.24 -4.14 2.25
CA GLN B 225 19.83 -4.78 1.10
C GLN B 225 18.77 -5.21 0.10
N ASN B 226 19.20 -5.48 -1.13
CA ASN B 226 18.31 -5.95 -2.19
C ASN B 226 18.46 -7.46 -2.27
N ILE B 227 17.36 -8.19 -2.39
CA ILE B 227 17.38 -9.64 -2.46
C ILE B 227 16.51 -10.00 -3.65
N SER B 228 17.05 -10.80 -4.57
CA SER B 228 16.34 -11.18 -5.79
C SER B 228 16.32 -12.66 -6.12
N ALA B 229 15.29 -12.96 -6.87
CA ALA B 229 15.06 -14.28 -7.46
C ALA B 229 14.84 -14.01 -8.93
N GLU B 230 15.44 -14.80 -9.79
CA GLU B 230 15.29 -14.54 -11.22
C GLU B 230 15.05 -15.81 -12.05
N ALA B 231 14.63 -15.60 -13.30
CA ALA B 231 14.37 -16.70 -14.23
C ALA B 231 14.56 -16.17 -15.67
N TRP B 232 14.69 -17.08 -16.63
CA TRP B 232 14.87 -16.74 -18.04
C TRP B 232 13.74 -17.40 -18.79
N GLY B 233 13.30 -16.79 -19.88
CA GLY B 233 12.21 -17.38 -20.65
C GLY B 233 12.55 -18.75 -21.21
N ARG B 234 11.57 -19.63 -21.30
CA ARG B 234 11.83 -20.97 -21.81
C ARG B 234 11.21 -21.20 -23.19
N ALA B 235 11.91 -21.96 -24.02
CA ALA B 235 11.41 -22.31 -25.35
C ALA B 235 10.28 -23.32 -25.08
N ASP B 236 9.76 -24.00 -26.09
CA ASP B 236 8.66 -24.92 -25.83
C ASP B 236 8.46 -26.04 -26.84
N CYS B 237 7.69 -27.04 -26.42
CA CYS B 237 7.25 -28.22 -27.16
C CYS B 237 7.55 -29.50 -26.39
#